data_2ABW
#
_entry.id   2ABW
#
_cell.length_a   88.042
_cell.length_b   67.917
_cell.length_c   70.327
_cell.angle_alpha   90.00
_cell.angle_beta   92.31
_cell.angle_gamma   90.00
#
_symmetry.space_group_name_H-M   'C 1 2 1'
#
loop_
_entity.id
_entity.type
_entity.pdbx_description
1 polymer 'Pdx2 protein'
2 non-polymer 'TETRAETHYLENE GLYCOL'
3 water water
#
_entity_poly.entity_id   1
_entity_poly.type   'polypeptide(L)'
_entity_poly.pdbx_seq_one_letter_code
;MSEITIGVLSLQGDFEPHINHFIKLQIPSLNIIQVRNVHDLGLCDGLVIPGGESTTVRRCCAYENDTLYNALVHFIHVLK
KPIWGTCAGCILLSKNVENIKLYSNFGNKFSFGGLDITICRNFYGSQNDSFICSLNIISDSSAFKKDLTAACIRAPYIRE
ILSDEVKVLATFSHESYGPNIIAAVEQNNCLGTVFHPELLPHTAFQQYFYEKVKNYKYSLEHHHHHH
;
_entity_poly.pdbx_strand_id   A,B
#
# COMPACT_ATOMS: atom_id res chain seq x y z
N SER A 2 6.86 5.52 27.85
N SER A 2 6.91 5.11 27.59
CA SER A 2 7.51 5.52 26.52
CA SER A 2 7.44 5.45 26.27
C SER A 2 7.23 6.93 25.93
C SER A 2 7.46 6.95 26.08
N GLU A 3 7.98 7.37 24.93
CA GLU A 3 7.71 8.69 24.36
C GLU A 3 7.04 8.43 23.01
N ILE A 4 5.87 9.00 22.77
CA ILE A 4 5.20 8.90 21.48
C ILE A 4 5.20 10.30 20.87
N THR A 5 5.63 10.39 19.58
CA THR A 5 5.63 11.64 18.84
C THR A 5 4.64 11.56 17.69
N ILE A 6 3.67 12.45 17.70
CA ILE A 6 2.75 12.60 16.61
C ILE A 6 3.05 13.91 15.91
N GLY A 7 3.16 13.85 14.60
CA GLY A 7 3.41 15.07 13.82
C GLY A 7 2.15 15.56 13.18
N VAL A 8 2.10 16.87 12.96
CA VAL A 8 1.00 17.52 12.20
C VAL A 8 1.59 18.23 11.02
N LEU A 9 1.22 17.83 9.81
CA LEU A 9 1.75 18.50 8.57
CA LEU A 9 1.71 18.49 8.58
C LEU A 9 1.37 19.97 8.68
C LEU A 9 1.33 19.96 8.54
N SER A 10 2.32 20.88 8.47
N SER A 10 2.38 20.78 8.66
CA SER A 10 2.06 22.29 8.79
CA SER A 10 2.30 22.23 8.86
C SER A 10 2.31 23.30 7.68
C SER A 10 2.98 23.03 7.75
N LEU A 11 2.76 22.78 6.56
N LEU A 11 2.63 22.75 6.52
CA LEU A 11 3.15 23.61 5.43
CA LEU A 11 3.12 23.59 5.44
C LEU A 11 2.03 24.51 4.92
N GLN A 12 0.79 24.03 4.97
CA GLN A 12 -0.35 24.70 4.44
C GLN A 12 -0.91 25.74 5.42
N GLY A 13 -0.39 25.78 6.63
CA GLY A 13 -0.93 26.75 7.61
C GLY A 13 -2.21 26.26 8.30
N ASP A 14 -2.71 27.07 9.21
CA ASP A 14 -3.92 26.76 9.97
C ASP A 14 -3.87 25.42 10.70
N PHE A 15 -2.68 25.07 11.16
CA PHE A 15 -2.46 23.75 11.73
C PHE A 15 -2.51 23.85 13.25
N GLU A 16 -2.35 25.03 13.83
CA GLU A 16 -2.25 25.13 15.29
C GLU A 16 -3.45 24.53 16.04
N PRO A 17 -4.68 24.76 15.56
CA PRO A 17 -5.80 24.15 16.30
C PRO A 17 -5.74 22.65 16.35
N HIS A 18 -5.19 22.00 15.32
CA HIS A 18 -5.05 20.58 15.38
C HIS A 18 -4.05 20.13 16.44
N ILE A 19 -2.94 20.85 16.50
CA ILE A 19 -1.94 20.60 17.56
C ILE A 19 -2.57 20.81 18.95
N ASN A 20 -3.25 21.91 19.13
CA ASN A 20 -3.92 22.23 20.43
C ASN A 20 -4.84 21.10 20.87
N HIS A 21 -5.57 20.56 19.90
CA HIS A 21 -6.52 19.50 20.24
C HIS A 21 -5.86 18.19 20.72
N PHE A 22 -4.64 17.90 20.26
CA PHE A 22 -3.94 16.81 20.88
C PHE A 22 -3.36 17.14 22.26
N ILE A 23 -2.84 18.38 22.40
CA ILE A 23 -2.36 18.82 23.71
C ILE A 23 -3.48 18.76 24.72
N LYS A 24 -4.72 18.97 24.31
CA LYS A 24 -5.85 18.93 25.24
C LYS A 24 -6.05 17.51 25.83
N LEU A 25 -5.54 16.52 25.19
CA LEU A 25 -5.55 15.15 25.74
C LEU A 25 -4.81 15.06 27.07
N GLN A 26 -3.83 15.92 27.30
CA GLN A 26 -3.06 15.92 28.55
C GLN A 26 -2.37 14.61 28.83
N ILE A 27 -1.86 13.93 27.80
N ILE A 27 -1.89 13.97 27.78
CA ILE A 27 -1.26 12.58 28.00
CA ILE A 27 -1.09 12.77 27.92
C ILE A 27 0.25 12.63 28.19
C ILE A 27 0.34 13.25 28.17
N PRO A 28 0.74 12.26 29.40
N PRO A 28 0.91 12.84 29.31
CA PRO A 28 2.13 12.53 29.64
CA PRO A 28 2.36 12.92 29.45
C PRO A 28 3.13 12.18 28.57
C PRO A 28 3.29 12.16 28.43
N SER A 29 2.96 10.99 27.96
N SER A 29 2.90 11.01 27.91
CA SER A 29 3.92 10.35 27.07
CA SER A 29 3.87 10.33 27.05
C SER A 29 3.92 11.01 25.65
N LEU A 30 2.95 11.93 25.39
CA LEU A 30 2.73 12.48 24.05
C LEU A 30 3.41 13.84 23.82
N ASN A 31 4.20 13.86 22.71
CA ASN A 31 4.79 15.06 22.15
C ASN A 31 4.19 15.33 20.79
N ILE A 32 3.93 16.59 20.45
CA ILE A 32 3.45 16.93 19.10
C ILE A 32 4.43 17.80 18.42
N ILE A 33 4.69 17.50 17.13
CA ILE A 33 5.60 18.36 16.36
C ILE A 33 5.00 18.80 15.08
N GLN A 34 5.43 19.95 14.57
CA GLN A 34 5.07 20.32 13.24
C GLN A 34 5.89 19.45 12.32
N VAL A 35 5.34 19.13 11.17
CA VAL A 35 6.10 18.44 10.12
C VAL A 35 6.12 19.30 8.85
N ARG A 36 7.30 19.70 8.47
CA ARG A 36 7.49 20.61 7.34
C ARG A 36 8.44 20.00 6.32
N ASN A 37 9.08 18.87 6.67
CA ASN A 37 10.10 18.30 5.81
C ASN A 37 10.36 16.86 6.20
N VAL A 38 11.22 16.18 5.47
CA VAL A 38 11.47 14.76 5.68
C VAL A 38 12.20 14.47 7.01
N HIS A 39 13.03 15.41 7.48
CA HIS A 39 13.69 15.25 8.80
C HIS A 39 12.60 15.16 9.91
N ASP A 40 11.68 16.10 9.89
CA ASP A 40 10.60 16.12 10.85
C ASP A 40 9.79 14.81 10.77
N LEU A 41 9.51 14.40 9.51
CA LEU A 41 8.66 13.17 9.28
C LEU A 41 9.34 12.01 9.89
N GLY A 42 10.69 11.94 9.77
CA GLY A 42 11.43 10.81 10.34
C GLY A 42 11.32 10.63 11.84
N LEU A 43 10.95 11.70 12.53
CA LEU A 43 10.85 11.70 14.02
C LEU A 43 9.48 11.23 14.49
N CYS A 44 8.59 11.04 13.56
CA CYS A 44 7.15 10.83 13.87
C CYS A 44 6.86 9.34 14.00
N ASP A 45 6.08 8.95 15.03
CA ASP A 45 5.52 7.64 15.13
C ASP A 45 4.16 7.57 14.38
N GLY A 46 3.49 8.72 14.25
CA GLY A 46 2.26 8.86 13.45
C GLY A 46 2.13 10.25 12.92
N LEU A 47 1.27 10.49 11.94
CA LEU A 47 1.19 11.83 11.29
C LEU A 47 -0.29 12.15 11.05
N VAL A 48 -0.62 13.44 11.27
CA VAL A 48 -1.91 13.98 10.91
C VAL A 48 -1.72 14.90 9.72
N ILE A 49 -2.55 14.74 8.67
CA ILE A 49 -2.59 15.67 7.54
C ILE A 49 -3.92 16.35 7.59
N PRO A 50 -3.96 17.63 7.96
CA PRO A 50 -5.22 18.37 7.95
C PRO A 50 -5.31 19.23 6.68
N GLY A 51 -6.14 20.23 6.67
CA GLY A 51 -6.11 21.25 5.59
C GLY A 51 -7.50 21.48 5.08
N GLY A 52 -7.68 22.65 4.54
CA GLY A 52 -8.91 23.03 3.90
C GLY A 52 -8.92 22.64 2.46
N GLU A 53 -7.77 22.74 1.83
CA GLU A 53 -7.63 22.49 0.40
C GLU A 53 -6.57 21.48 0.03
N SER A 54 -7.04 20.38 -0.56
CA SER A 54 -6.14 19.30 -0.93
C SER A 54 -5.08 19.74 -1.89
N THR A 55 -5.41 20.61 -2.88
CA THR A 55 -4.42 20.97 -3.86
C THR A 55 -3.28 21.77 -3.23
N THR A 56 -3.61 22.60 -2.27
CA THR A 56 -2.58 23.36 -1.56
C THR A 56 -1.60 22.50 -0.77
N VAL A 57 -2.12 21.59 -0.02
CA VAL A 57 -1.28 20.68 0.76
C VAL A 57 -0.42 19.87 -0.20
N ARG A 58 -1.00 19.39 -1.30
CA ARG A 58 -0.19 18.60 -2.23
C ARG A 58 0.94 19.37 -2.87
N ARG A 59 0.68 20.61 -3.28
CA ARG A 59 1.74 21.46 -3.83
C ARG A 59 2.85 21.71 -2.81
N CYS A 60 2.46 21.86 -1.55
CA CYS A 60 3.48 22.00 -0.48
C CYS A 60 4.46 20.78 -0.39
N CYS A 61 3.97 19.61 -0.75
CA CYS A 61 4.76 18.39 -0.74
C CYS A 61 5.55 18.16 -1.99
N ALA A 62 5.41 19.05 -2.97
CA ALA A 62 5.99 18.85 -4.28
C ALA A 62 7.41 19.42 -4.43
N TYR A 63 7.85 20.15 -3.41
CA TYR A 63 9.09 20.85 -3.48
C TYR A 63 10.25 19.87 -3.66
N GLU A 64 11.27 20.32 -4.41
CA GLU A 64 12.48 19.51 -4.59
C GLU A 64 12.10 18.14 -5.19
N ASN A 65 11.35 18.23 -6.28
CA ASN A 65 11.05 17.10 -7.11
C ASN A 65 10.28 16.06 -6.29
N ASP A 66 9.28 16.51 -5.57
CA ASP A 66 8.43 15.60 -4.79
C ASP A 66 9.16 14.85 -3.67
N THR A 67 10.14 15.45 -3.03
CA THR A 67 10.90 14.78 -1.98
C THR A 67 9.96 14.39 -0.84
N LEU A 68 9.18 15.33 -0.38
CA LEU A 68 8.27 15.01 0.81
C LEU A 68 7.14 14.11 0.38
N TYR A 69 6.55 14.32 -0.81
CA TYR A 69 5.50 13.44 -1.34
C TYR A 69 6.01 11.98 -1.29
N ASN A 70 7.19 11.77 -1.87
CA ASN A 70 7.72 10.35 -1.96
C ASN A 70 7.97 9.82 -0.54
N ALA A 71 8.42 10.66 0.39
CA ALA A 71 8.64 10.20 1.75
C ALA A 71 7.32 9.86 2.45
N LEU A 72 6.30 10.65 2.19
CA LEU A 72 4.93 10.39 2.74
C LEU A 72 4.37 9.06 2.20
N VAL A 73 4.56 8.82 0.92
CA VAL A 73 4.09 7.58 0.31
C VAL A 73 4.79 6.45 0.99
N HIS A 74 6.10 6.55 1.14
CA HIS A 74 6.86 5.50 1.79
C HIS A 74 6.38 5.28 3.25
N PHE A 75 6.17 6.37 3.96
CA PHE A 75 5.74 6.36 5.38
C PHE A 75 4.42 5.60 5.47
N ILE A 76 3.49 5.88 4.58
CA ILE A 76 2.20 5.28 4.60
C ILE A 76 2.19 3.84 4.22
N HIS A 77 2.87 3.48 3.13
CA HIS A 77 2.69 2.24 2.44
C HIS A 77 3.79 1.22 2.59
N VAL A 78 4.96 1.65 3.00
CA VAL A 78 6.09 0.73 3.27
C VAL A 78 6.31 0.58 4.77
N LEU A 79 6.47 1.71 5.46
CA LEU A 79 6.62 1.68 6.93
C LEU A 79 5.30 1.34 7.57
N LYS A 80 4.17 1.67 6.91
CA LYS A 80 2.84 1.43 7.47
C LYS A 80 2.62 2.17 8.81
N LYS A 81 3.20 3.36 8.92
CA LYS A 81 3.03 4.13 10.12
C LYS A 81 1.63 4.77 10.11
N PRO A 82 1.02 4.89 11.31
CA PRO A 82 -0.33 5.46 11.35
C PRO A 82 -0.42 6.87 10.76
N ILE A 83 -1.50 7.12 10.01
CA ILE A 83 -1.74 8.42 9.42
C ILE A 83 -3.21 8.73 9.51
N TRP A 84 -3.49 9.96 9.80
CA TRP A 84 -4.87 10.48 9.93
C TRP A 84 -4.98 11.63 8.95
N GLY A 85 -5.77 11.43 7.90
CA GLY A 85 -6.10 12.51 7.00
C GLY A 85 -7.44 13.07 7.33
N THR A 86 -7.51 14.38 7.60
CA THR A 86 -8.74 15.01 7.95
C THR A 86 -9.02 16.17 6.98
N CYS A 87 -10.26 16.15 6.50
CA CYS A 87 -10.70 17.06 5.43
C CYS A 87 -9.78 16.97 4.21
N ALA A 88 -8.95 17.99 3.89
CA ALA A 88 -8.00 17.80 2.80
C ALA A 88 -7.16 16.57 2.89
N GLY A 89 -6.68 16.21 4.10
CA GLY A 89 -5.85 15.05 4.22
C GLY A 89 -6.65 13.84 3.84
N CYS A 90 -7.94 13.80 4.18
CA CYS A 90 -8.75 12.63 3.83
C CYS A 90 -8.77 12.51 2.33
N ILE A 91 -8.93 13.61 1.61
CA ILE A 91 -8.92 13.59 0.14
C ILE A 91 -7.58 12.98 -0.38
N LEU A 92 -6.49 13.44 0.21
CA LEU A 92 -5.16 13.05 -0.23
C LEU A 92 -4.77 11.63 0.18
N LEU A 93 -5.52 10.95 0.98
CA LEU A 93 -5.37 9.47 1.21
C LEU A 93 -6.21 8.61 0.26
N SER A 94 -7.13 9.27 -0.45
CA SER A 94 -8.11 8.55 -1.17
C SER A 94 -7.60 8.00 -2.50
N LYS A 95 -8.17 6.87 -2.93
CA LYS A 95 -7.79 6.28 -4.25
C LYS A 95 -8.25 7.05 -5.44
N ASN A 96 -9.55 7.37 -5.46
CA ASN A 96 -10.13 8.13 -6.54
C ASN A 96 -10.60 9.45 -5.98
N VAL A 97 -10.13 10.55 -6.53
CA VAL A 97 -10.57 11.88 -6.20
C VAL A 97 -11.39 12.46 -7.30
N GLU A 98 -12.58 12.97 -6.96
CA GLU A 98 -13.49 13.60 -7.93
C GLU A 98 -13.77 15.06 -7.61
N ASN A 99 -13.91 15.85 -8.66
CA ASN A 99 -14.34 17.24 -8.54
C ASN A 99 -13.34 18.19 -7.91
N ILE A 100 -12.07 17.82 -7.98
CA ILE A 100 -11.01 18.73 -7.52
CA ILE A 100 -10.96 18.70 -7.65
C ILE A 100 -10.64 19.92 -8.45
C ILE A 100 -10.55 19.33 -8.99
N LYS A 101 -11.30 20.03 -9.60
N LYS A 101 -11.02 20.53 -9.17
CA LYS A 101 -11.09 21.14 -10.62
CA LYS A 101 -11.06 21.18 -10.48
C LYS A 101 -9.67 21.50 -11.01
N LEU A 102 -8.82 21.86 -10.06
CA LEU A 102 -7.52 22.38 -10.39
C LEU A 102 -6.73 21.27 -10.97
N TYR A 103 -6.34 21.44 -12.23
CA TYR A 103 -5.50 20.44 -12.82
C TYR A 103 -4.12 20.56 -12.27
N SER A 104 -3.65 19.37 -11.97
CA SER A 104 -2.52 19.17 -11.13
C SER A 104 -1.35 18.97 -12.02
N ASN A 105 -0.28 19.61 -11.62
CA ASN A 105 0.98 19.37 -12.24
C ASN A 105 1.46 17.94 -11.88
N PHE A 106 0.71 17.21 -11.02
CA PHE A 106 1.12 15.85 -10.55
C PHE A 106 0.32 14.60 -11.03
N GLY A 107 -0.84 14.76 -11.64
CA GLY A 107 -1.51 13.68 -12.39
C GLY A 107 -1.91 12.56 -11.44
N ASN A 108 -1.47 11.33 -11.75
CA ASN A 108 -1.83 10.24 -10.89
C ASN A 108 -0.92 10.22 -9.68
N LYS A 109 -0.09 11.26 -9.51
CA LYS A 109 0.65 11.40 -8.27
C LYS A 109 -0.04 12.42 -7.35
N PHE A 110 -1.29 12.76 -7.58
CA PHE A 110 -2.00 13.66 -6.69
C PHE A 110 -2.20 13.12 -5.26
N SER A 111 -2.88 11.99 -5.12
CA SER A 111 -3.09 11.38 -3.83
C SER A 111 -1.84 10.64 -3.32
N PHE A 112 -1.74 10.64 -2.00
CA PHE A 112 -0.76 9.75 -1.26
C PHE A 112 -1.27 8.35 -1.25
N GLY A 113 -2.58 8.15 -1.39
CA GLY A 113 -3.18 6.82 -1.23
C GLY A 113 -3.28 6.38 0.23
N GLY A 114 -3.95 5.19 0.43
CA GLY A 114 -4.02 4.60 1.79
C GLY A 114 -5.46 4.22 2.15
N LEU A 115 -6.42 4.97 1.63
CA LEU A 115 -7.85 4.62 1.78
C LEU A 115 -8.44 4.27 0.41
N ASP A 116 -8.91 3.06 0.30
CA ASP A 116 -9.52 2.56 -0.98
C ASP A 116 -10.96 3.03 -1.05
N ILE A 117 -11.09 4.34 -1.31
CA ILE A 117 -12.38 4.99 -1.43
C ILE A 117 -12.35 5.97 -2.58
N THR A 118 -13.55 6.31 -3.06
CA THR A 118 -13.73 7.43 -3.96
C THR A 118 -14.33 8.57 -3.20
N ILE A 119 -13.69 9.71 -3.27
CA ILE A 119 -14.11 10.88 -2.52
C ILE A 119 -14.33 12.08 -3.48
N CYS A 120 -15.30 12.93 -3.18
CA CYS A 120 -15.70 14.08 -3.97
C CYS A 120 -15.52 15.34 -3.17
N ARG A 121 -14.87 16.32 -3.77
CA ARG A 121 -14.62 17.51 -2.99
C ARG A 121 -15.84 18.32 -2.97
N ASN A 122 -16.61 18.29 -4.05
CA ASN A 122 -17.66 19.26 -4.32
C ASN A 122 -18.07 20.19 -3.19
N PHE A 123 -17.45 21.38 -3.06
CA PHE A 123 -16.27 21.78 -3.80
C PHE A 123 -16.00 23.28 -3.88
N ASN A 128 -27.29 24.56 5.03
CA ASN A 128 -26.39 24.18 3.94
C ASN A 128 -25.03 23.70 4.43
N ASP A 129 -23.94 24.17 3.81
CA ASP A 129 -22.69 23.42 3.82
C ASP A 129 -21.82 23.46 5.13
N SER A 130 -22.40 23.97 6.21
CA SER A 130 -21.88 23.80 7.56
C SER A 130 -22.94 23.32 8.52
N PHE A 131 -22.61 22.32 9.33
CA PHE A 131 -23.52 21.79 10.28
C PHE A 131 -22.78 20.90 11.27
N ILE A 132 -23.40 20.72 12.42
CA ILE A 132 -22.97 19.74 13.41
C ILE A 132 -23.91 18.52 13.30
N CYS A 133 -23.33 17.34 13.10
CA CYS A 133 -24.05 16.12 13.06
C CYS A 133 -23.72 15.24 14.26
N SER A 134 -24.69 14.38 14.61
CA SER A 134 -24.51 13.32 15.55
C SER A 134 -23.88 12.13 14.82
N LEU A 135 -22.88 11.47 15.42
CA LEU A 135 -22.21 10.33 14.77
C LEU A 135 -22.67 9.01 15.30
N ASN A 136 -22.86 8.06 14.39
CA ASN A 136 -23.05 6.64 14.71
C ASN A 136 -21.68 6.02 14.56
N ILE A 137 -21.03 5.68 15.68
CA ILE A 137 -19.69 5.23 15.60
C ILE A 137 -19.58 3.71 15.83
N ILE A 138 -19.03 3.02 14.89
CA ILE A 138 -18.93 1.59 14.90
C ILE A 138 -17.59 1.20 15.41
N SER A 139 -17.53 1.16 16.76
CA SER A 139 -16.24 0.96 17.47
C SER A 139 -16.52 0.49 18.88
N ASP A 140 -15.52 -0.21 19.45
CA ASP A 140 -15.56 -0.61 20.85
C ASP A 140 -14.55 0.28 21.63
N SER A 141 -13.96 1.29 20.99
CA SER A 141 -12.90 2.08 21.67
C SER A 141 -13.50 2.95 22.77
N SER A 142 -12.82 3.05 23.95
CA SER A 142 -13.27 3.99 24.94
C SER A 142 -13.12 5.46 24.60
N ALA A 143 -12.52 5.75 23.46
CA ALA A 143 -12.46 7.15 22.98
C ALA A 143 -13.78 7.62 22.60
N PHE A 144 -14.75 6.72 22.32
CA PHE A 144 -16.01 7.13 21.72
C PHE A 144 -17.16 6.90 22.68
N LYS A 145 -17.49 7.92 23.41
CA LYS A 145 -18.69 7.90 24.21
C LYS A 145 -19.94 8.07 23.39
N LYS A 146 -21.06 7.85 24.00
CA LYS A 146 -22.27 7.98 23.24
C LYS A 146 -22.52 9.46 22.82
N ASP A 147 -23.22 9.61 21.71
CA ASP A 147 -23.69 10.91 21.26
C ASP A 147 -22.61 11.92 20.98
N LEU A 148 -21.56 11.44 20.34
CA LEU A 148 -20.56 12.41 19.92
C LEU A 148 -20.98 13.10 18.66
N THR A 149 -20.38 14.25 18.41
CA THR A 149 -20.75 15.10 17.30
C THR A 149 -19.53 15.38 16.42
N ALA A 150 -19.84 15.84 15.21
CA ALA A 150 -18.85 16.23 14.25
C ALA A 150 -19.27 17.52 13.58
N ALA A 151 -18.29 18.38 13.29
CA ALA A 151 -18.54 19.61 12.56
C ALA A 151 -18.11 19.48 11.10
N CYS A 152 -19.12 19.47 10.21
CA CYS A 152 -18.85 19.33 8.81
C CYS A 152 -18.93 20.68 8.16
N ILE A 153 -17.81 21.16 7.67
CA ILE A 153 -17.78 22.45 6.96
C ILE A 153 -17.21 22.27 5.56
N ARG A 154 -18.10 22.36 4.58
CA ARG A 154 -17.78 22.08 3.19
C ARG A 154 -17.06 20.73 3.11
N ALA A 155 -17.64 19.74 3.79
CA ALA A 155 -16.98 18.46 3.95
C ALA A 155 -16.90 17.72 2.64
N PRO A 156 -15.80 17.01 2.40
CA PRO A 156 -15.76 16.17 1.20
C PRO A 156 -16.75 15.02 1.41
N TYR A 157 -17.14 14.39 0.33
CA TYR A 157 -18.13 13.34 0.33
C TYR A 157 -17.54 12.05 -0.13
N ILE A 158 -17.67 11.01 0.69
CA ILE A 158 -17.19 9.69 0.36
C ILE A 158 -18.26 8.93 -0.42
N ARG A 159 -18.08 8.82 -1.73
CA ARG A 159 -19.06 8.33 -2.61
C ARG A 159 -19.01 6.82 -2.70
N GLU A 160 -17.82 6.23 -2.62
CA GLU A 160 -17.66 4.77 -2.81
C GLU A 160 -16.64 4.21 -1.79
N ILE A 161 -16.94 3.03 -1.26
CA ILE A 161 -15.97 2.18 -0.56
C ILE A 161 -15.55 1.14 -1.61
N LEU A 162 -14.24 0.91 -1.72
CA LEU A 162 -13.71 0.13 -2.84
C LEU A 162 -13.05 -1.19 -2.40
N SER A 163 -13.04 -1.48 -1.12
CA SER A 163 -12.37 -2.71 -0.61
C SER A 163 -13.05 -3.13 0.63
N ASP A 164 -13.17 -4.45 0.83
CA ASP A 164 -13.64 -4.93 2.12
C ASP A 164 -12.67 -4.65 3.28
N GLU A 165 -11.47 -4.25 2.99
CA GLU A 165 -10.52 -3.85 4.02
C GLU A 165 -10.84 -2.52 4.65
N VAL A 166 -11.69 -1.71 4.00
CA VAL A 166 -12.08 -0.44 4.58
C VAL A 166 -13.17 -0.63 5.57
N LYS A 167 -12.91 -0.19 6.78
CA LYS A 167 -13.93 -0.19 7.80
C LYS A 167 -14.61 1.18 7.92
N VAL A 168 -15.91 1.22 7.85
CA VAL A 168 -16.67 2.41 8.05
C VAL A 168 -16.75 2.59 9.55
N LEU A 169 -16.08 3.60 10.02
CA LEU A 169 -15.95 3.85 11.43
C LEU A 169 -17.08 4.71 11.98
N ALA A 170 -17.57 5.68 11.20
CA ALA A 170 -18.65 6.53 11.67
C ALA A 170 -19.50 7.01 10.50
N THR A 171 -20.81 7.09 10.71
CA THR A 171 -21.78 7.55 9.75
C THR A 171 -22.70 8.53 10.46
N PHE A 172 -23.44 9.30 9.65
CA PHE A 172 -24.45 10.19 10.19
C PHE A 172 -25.58 10.36 9.26
N SER A 173 -26.70 10.83 9.77
CA SER A 173 -27.82 11.13 8.91
C SER A 173 -28.08 12.60 8.98
N HIS A 174 -28.47 13.16 7.86
CA HIS A 174 -28.69 14.60 7.78
C HIS A 174 -29.89 14.77 6.92
N GLU A 175 -30.78 15.64 7.36
CA GLU A 175 -32.02 15.82 6.63
C GLU A 175 -31.80 16.33 5.22
N SER A 176 -30.55 16.68 4.90
CA SER A 176 -30.07 16.62 3.51
C SER A 176 -28.63 16.03 3.26
N TYR A 177 -28.56 15.25 2.20
CA TYR A 177 -27.45 14.40 1.92
C TYR A 177 -28.10 13.06 2.06
N GLY A 178 -28.77 12.86 3.18
CA GLY A 178 -29.62 11.69 3.40
C GLY A 178 -29.11 10.86 4.56
N PRO A 179 -29.50 9.59 4.59
CA PRO A 179 -29.08 8.74 5.64
C PRO A 179 -27.72 8.16 5.26
N ASN A 180 -27.02 7.76 6.28
CA ASN A 180 -25.88 6.94 6.23
C ASN A 180 -24.74 7.53 5.45
N ILE A 181 -24.57 8.83 5.66
CA ILE A 181 -23.39 9.54 5.09
C ILE A 181 -22.15 9.05 5.85
N ILE A 182 -21.08 8.68 5.15
CA ILE A 182 -19.86 8.16 5.78
C ILE A 182 -19.00 9.33 6.23
N ALA A 183 -18.75 9.38 7.54
CA ALA A 183 -17.97 10.44 8.15
C ALA A 183 -16.49 10.06 8.40
N ALA A 184 -16.24 8.80 8.71
CA ALA A 184 -14.90 8.34 9.07
C ALA A 184 -14.74 6.93 8.60
N VAL A 185 -13.55 6.67 8.04
CA VAL A 185 -13.17 5.32 7.59
C VAL A 185 -11.79 5.00 8.13
N GLU A 186 -11.51 3.71 8.22
CA GLU A 186 -10.19 3.27 8.66
C GLU A 186 -9.78 2.09 7.82
N GLN A 187 -8.54 2.05 7.38
CA GLN A 187 -8.07 0.94 6.55
C GLN A 187 -6.60 0.73 6.92
N ASN A 188 -6.30 -0.42 7.52
CA ASN A 188 -4.92 -0.73 7.92
C ASN A 188 -4.44 0.45 8.80
N ASN A 189 -3.30 1.06 8.47
CA ASN A 189 -2.74 2.14 9.25
C ASN A 189 -3.30 3.55 9.03
N CYS A 190 -4.32 3.66 8.19
CA CYS A 190 -4.92 4.92 7.77
C CYS A 190 -6.29 5.21 8.33
N LEU A 191 -6.48 6.43 8.80
CA LEU A 191 -7.73 6.90 9.30
C LEU A 191 -8.08 8.10 8.52
N GLY A 192 -9.35 8.25 8.12
CA GLY A 192 -9.77 9.39 7.37
C GLY A 192 -11.11 9.90 7.93
N THR A 193 -11.20 11.23 8.07
CA THR A 193 -12.44 11.90 8.53
C THR A 193 -12.75 13.05 7.65
N VAL A 194 -14.04 13.23 7.34
CA VAL A 194 -14.44 14.33 6.45
C VAL A 194 -14.69 15.63 7.18
N PHE A 195 -14.80 15.55 8.48
CA PHE A 195 -15.17 16.68 9.39
C PHE A 195 -13.90 17.34 9.97
N HIS A 196 -14.13 18.38 10.73
CA HIS A 196 -13.09 19.15 11.41
C HIS A 196 -13.04 18.80 12.87
N PRO A 197 -12.21 17.80 13.23
CA PRO A 197 -12.20 17.32 14.63
C PRO A 197 -11.64 18.34 15.58
N GLU A 198 -10.99 19.37 15.04
CA GLU A 198 -10.40 20.41 15.88
C GLU A 198 -11.34 21.52 16.23
N LEU A 199 -12.53 21.51 15.64
CA LEU A 199 -13.50 22.66 15.76
C LEU A 199 -14.65 22.36 16.77
N LEU A 200 -14.64 21.20 17.39
CA LEU A 200 -15.56 20.88 18.51
C LEU A 200 -14.76 20.63 19.77
N PRO A 201 -15.32 20.93 20.92
CA PRO A 201 -14.44 20.83 22.09
C PRO A 201 -13.91 19.44 22.36
N HIS A 202 -14.71 18.40 22.07
CA HIS A 202 -14.28 17.05 22.51
C HIS A 202 -13.10 16.59 21.70
N THR A 203 -12.40 15.60 22.25
CA THR A 203 -11.12 15.16 21.70
C THR A 203 -11.18 13.66 21.29
N ALA A 204 -12.34 13.13 20.99
CA ALA A 204 -12.52 11.64 20.85
C ALA A 204 -11.62 11.13 19.75
N PHE A 205 -11.62 11.76 18.56
CA PHE A 205 -10.84 11.21 17.44
C PHE A 205 -9.33 11.35 17.66
N GLN A 206 -8.95 12.44 18.33
CA GLN A 206 -7.57 12.60 18.72
C GLN A 206 -7.13 11.47 19.64
N GLN A 207 -7.94 11.15 20.61
CA GLN A 207 -7.66 10.05 21.53
C GLN A 207 -7.56 8.74 20.80
N TYR A 208 -8.49 8.48 19.90
CA TYR A 208 -8.48 7.24 19.10
C TYR A 208 -7.22 7.14 18.27
N PHE A 209 -6.87 8.24 17.62
CA PHE A 209 -5.65 8.21 16.77
C PHE A 209 -4.42 8.04 17.67
N TYR A 210 -4.36 8.67 18.82
CA TYR A 210 -3.23 8.46 19.73
C TYR A 210 -3.10 6.95 20.06
N GLU A 211 -4.18 6.30 20.44
CA GLU A 211 -4.14 4.90 20.79
C GLU A 211 -3.69 4.07 19.58
N LYS A 212 -4.05 4.49 18.37
CA LYS A 212 -3.60 3.80 17.15
C LYS A 212 -2.09 3.84 17.04
N VAL A 213 -1.54 5.04 17.27
CA VAL A 213 -0.07 5.25 17.21
C VAL A 213 0.61 4.46 18.32
N LYS A 214 0.04 4.53 19.55
CA LYS A 214 0.60 3.74 20.67
C LYS A 214 0.63 2.27 20.37
N ASN A 215 -0.41 1.74 19.78
CA ASN A 215 -0.47 0.27 19.51
C ASN A 215 0.54 -0.07 18.42
N TYR A 216 0.65 0.81 17.42
CA TYR A 216 1.72 0.67 16.42
C TYR A 216 3.11 0.57 17.04
N LYS A 217 3.42 1.48 17.93
CA LYS A 217 4.77 1.51 18.52
C LYS A 217 5.00 0.22 19.29
N TYR A 218 3.98 -0.24 20.02
CA TYR A 218 4.07 -1.46 20.82
C TYR A 218 4.31 -2.67 19.90
N SER A 219 3.67 -2.67 18.77
CA SER A 219 3.73 -3.80 17.83
C SER A 219 5.14 -3.93 17.33
N LEU A 220 5.84 -2.83 17.23
CA LEU A 220 7.20 -2.86 16.71
C LEU A 220 8.21 -3.59 17.57
N GLU A 221 7.85 -3.96 18.79
CA GLU A 221 8.89 -4.27 19.74
C GLU A 221 8.52 -5.41 20.62
N SER B 2 -9.28 -4.16 -25.53
CA SER B 2 -8.64 -5.37 -24.94
C SER B 2 -7.10 -5.43 -25.08
N GLU B 3 -6.48 -4.32 -25.55
CA GLU B 3 -4.97 -4.23 -25.59
C GLU B 3 -4.46 -4.03 -24.18
N ILE B 4 -3.45 -4.82 -23.86
CA ILE B 4 -2.92 -4.90 -22.51
C ILE B 4 -1.40 -4.85 -22.73
N THR B 5 -0.72 -4.12 -21.82
CA THR B 5 0.74 -4.06 -21.82
C THR B 5 1.23 -4.56 -20.46
N ILE B 6 2.10 -5.55 -20.52
CA ILE B 6 2.77 -6.04 -19.33
C ILE B 6 4.24 -5.83 -19.51
N GLY B 7 4.90 -5.33 -18.45
CA GLY B 7 6.31 -4.98 -18.52
C GLY B 7 7.06 -6.00 -17.67
N VAL B 8 8.34 -6.21 -17.96
CA VAL B 8 9.27 -7.01 -17.15
C VAL B 8 10.44 -6.10 -16.81
N LEU B 9 10.67 -5.89 -15.54
CA LEU B 9 11.86 -5.15 -15.12
C LEU B 9 13.07 -5.89 -15.63
N SER B 10 13.94 -5.17 -16.35
CA SER B 10 15.01 -5.79 -17.09
C SER B 10 16.41 -5.33 -16.71
N LEU B 11 16.52 -4.38 -15.80
CA LEU B 11 17.80 -3.79 -15.46
C LEU B 11 18.84 -4.77 -14.93
N GLN B 12 18.33 -5.80 -14.22
CA GLN B 12 19.22 -6.80 -13.57
C GLN B 12 19.71 -7.86 -14.53
N GLY B 13 19.26 -7.83 -15.76
CA GLY B 13 19.64 -8.87 -16.69
C GLY B 13 18.83 -10.16 -16.53
N ASP B 14 19.06 -11.10 -17.46
CA ASP B 14 18.42 -12.41 -17.41
C ASP B 14 16.91 -12.34 -17.43
N PHE B 15 16.37 -11.43 -18.20
CA PHE B 15 14.94 -11.18 -18.20
C PHE B 15 14.26 -11.73 -19.46
N GLU B 16 15.04 -12.08 -20.50
CA GLU B 16 14.48 -12.46 -21.75
C GLU B 16 13.57 -13.69 -21.70
N PRO B 17 13.91 -14.74 -20.94
CA PRO B 17 12.98 -15.84 -20.88
C PRO B 17 11.60 -15.49 -20.29
N HIS B 18 11.53 -14.50 -19.40
CA HIS B 18 10.24 -14.05 -18.90
C HIS B 18 9.35 -13.49 -20.01
N ILE B 19 9.93 -12.60 -20.75
CA ILE B 19 9.28 -11.96 -21.87
C ILE B 19 8.84 -13.03 -22.88
N ASN B 20 9.73 -13.98 -23.16
CA ASN B 20 9.43 -15.03 -24.11
C ASN B 20 8.26 -15.92 -23.68
N HIS B 21 8.13 -16.16 -22.38
CA HIS B 21 7.07 -16.96 -21.90
C HIS B 21 5.72 -16.25 -22.03
N PHE B 22 5.67 -14.91 -21.89
CA PHE B 22 4.46 -14.16 -22.20
C PHE B 22 4.12 -14.19 -23.66
N ILE B 23 5.12 -14.03 -24.51
CA ILE B 23 4.85 -14.10 -25.96
C ILE B 23 4.30 -15.48 -26.36
N LYS B 24 4.76 -16.54 -25.68
CA LYS B 24 4.21 -17.87 -25.87
C LYS B 24 2.73 -18.07 -25.60
N LEU B 25 2.07 -17.14 -24.91
CA LEU B 25 0.64 -17.27 -24.68
C LEU B 25 -0.11 -17.06 -25.99
N GLN B 26 0.55 -16.39 -26.93
CA GLN B 26 -0.02 -16.10 -28.26
C GLN B 26 -1.32 -15.34 -28.14
N ILE B 27 -1.27 -14.27 -27.35
CA ILE B 27 -2.44 -13.37 -27.20
C ILE B 27 -2.21 -12.14 -28.07
N PRO B 28 -3.02 -11.97 -29.13
CA PRO B 28 -2.65 -10.97 -30.14
C PRO B 28 -2.60 -9.54 -29.61
N SER B 29 -3.46 -9.26 -28.64
CA SER B 29 -3.62 -7.94 -28.13
C SER B 29 -2.68 -7.61 -26.94
N LEU B 30 -1.87 -8.58 -26.53
CA LEU B 30 -0.92 -8.39 -25.41
C LEU B 30 0.46 -7.86 -25.89
N ASN B 31 0.88 -6.73 -25.34
CA ASN B 31 2.17 -6.10 -25.67
C ASN B 31 3.07 -6.40 -24.48
N ILE B 32 4.28 -6.88 -24.68
CA ILE B 32 5.23 -7.09 -23.59
C ILE B 32 6.39 -6.11 -23.84
N ILE B 33 6.83 -5.43 -22.80
CA ILE B 33 7.97 -4.57 -22.90
C ILE B 33 8.96 -4.78 -21.77
N GLN B 34 10.24 -4.43 -21.97
CA GLN B 34 11.19 -4.26 -20.87
C GLN B 34 10.85 -3.01 -20.14
N VAL B 35 11.07 -2.99 -18.84
CA VAL B 35 10.97 -1.81 -18.07
C VAL B 35 12.36 -1.50 -17.50
N ARG B 36 12.86 -0.32 -17.86
CA ARG B 36 14.16 0.17 -17.47
C ARG B 36 14.12 1.54 -16.76
N ASN B 37 12.97 2.20 -16.73
CA ASN B 37 12.86 3.54 -16.18
C ASN B 37 11.40 3.83 -15.97
N VAL B 38 11.15 5.00 -15.40
CA VAL B 38 9.78 5.42 -15.03
C VAL B 38 8.83 5.56 -16.25
N HIS B 39 9.40 5.97 -17.40
CA HIS B 39 8.59 6.09 -18.60
C HIS B 39 8.03 4.77 -19.05
N ASP B 40 8.90 3.76 -19.07
CA ASP B 40 8.57 2.43 -19.45
C ASP B 40 7.49 1.97 -18.47
N LEU B 41 7.70 2.21 -17.18
CA LEU B 41 6.70 1.80 -16.18
C LEU B 41 5.33 2.39 -16.40
N GLY B 42 5.29 3.63 -16.83
CA GLY B 42 4.07 4.36 -17.07
C GLY B 42 3.25 3.77 -18.21
N LEU B 43 3.90 2.97 -19.07
CA LEU B 43 3.24 2.27 -20.19
C LEU B 43 2.55 0.98 -19.77
N CYS B 44 2.87 0.52 -18.58
CA CYS B 44 2.45 -0.81 -18.10
C CYS B 44 1.11 -0.82 -17.41
N ASP B 45 0.28 -1.80 -17.78
CA ASP B 45 -0.91 -2.17 -17.04
C ASP B 45 -0.53 -3.10 -15.88
N GLY B 46 0.50 -3.88 -16.05
CA GLY B 46 1.03 -4.76 -15.02
C GLY B 46 2.50 -4.91 -15.17
N LEU B 47 3.16 -5.40 -14.13
CA LEU B 47 4.64 -5.43 -14.10
C LEU B 47 5.09 -6.74 -13.48
N VAL B 48 6.17 -7.29 -14.05
CA VAL B 48 6.83 -8.47 -13.45
C VAL B 48 8.20 -8.03 -12.95
N ILE B 49 8.52 -8.33 -11.69
CA ILE B 49 9.86 -8.06 -11.13
C ILE B 49 10.43 -9.42 -10.79
N PRO B 50 11.39 -9.89 -11.63
CA PRO B 50 12.03 -11.17 -11.35
C PRO B 50 13.41 -10.92 -10.75
N GLY B 51 14.33 -11.80 -11.04
CA GLY B 51 15.67 -11.71 -10.51
C GLY B 51 16.04 -12.84 -9.57
N GLY B 52 17.32 -13.08 -9.48
CA GLY B 52 17.83 -14.12 -8.61
C GLY B 52 18.18 -13.58 -7.25
N GLU B 53 18.70 -12.35 -7.18
CA GLU B 53 19.03 -11.75 -5.88
C GLU B 53 18.33 -10.42 -5.59
N SER B 54 17.79 -10.34 -4.38
CA SER B 54 16.97 -9.18 -4.02
C SER B 54 17.83 -7.93 -3.90
N THR B 55 19.04 -8.11 -3.42
CA THR B 55 19.97 -6.94 -3.30
C THR B 55 20.33 -6.34 -4.67
N THR B 56 20.59 -7.20 -5.66
CA THR B 56 20.92 -6.76 -6.99
C THR B 56 19.74 -6.06 -7.67
N VAL B 57 18.55 -6.68 -7.59
CA VAL B 57 17.33 -6.02 -8.13
C VAL B 57 17.14 -4.64 -7.48
N ARG B 58 17.22 -4.58 -6.16
CA ARG B 58 16.95 -3.32 -5.46
C ARG B 58 17.94 -2.24 -5.85
N ARG B 59 19.21 -2.61 -5.98
CA ARG B 59 20.25 -1.68 -6.33
C ARG B 59 19.92 -1.11 -7.74
N CYS B 60 19.39 -1.94 -8.64
CA CYS B 60 19.07 -1.50 -10.00
C CYS B 60 18.01 -0.44 -10.00
N CYS B 61 17.18 -0.43 -8.95
CA CYS B 61 16.08 0.52 -8.89
C CYS B 61 16.49 1.85 -8.21
N ALA B 62 17.77 2.00 -7.89
CA ALA B 62 18.28 3.06 -7.06
C ALA B 62 18.87 4.25 -7.76
N TYR B 63 19.04 4.13 -9.10
CA TYR B 63 19.60 5.21 -9.92
C TYR B 63 18.88 6.50 -9.67
N GLU B 64 19.65 7.57 -9.61
CA GLU B 64 19.11 8.89 -9.49
C GLU B 64 18.28 9.05 -8.22
N ASN B 65 18.92 8.72 -7.12
CA ASN B 65 18.28 8.84 -5.78
C ASN B 65 16.93 8.13 -5.75
N ASP B 66 16.94 6.86 -6.19
CA ASP B 66 15.77 5.98 -6.01
C ASP B 66 14.57 6.45 -6.81
N THR B 67 14.85 7.02 -7.98
CA THR B 67 13.76 7.46 -8.83
C THR B 67 12.84 6.31 -9.22
N LEU B 68 13.41 5.21 -9.65
CA LEU B 68 12.54 4.07 -10.01
C LEU B 68 11.89 3.36 -8.83
N TYR B 69 12.68 3.17 -7.75
CA TYR B 69 12.09 2.63 -6.53
C TYR B 69 10.86 3.45 -6.14
N ASN B 70 10.96 4.78 -6.14
CA ASN B 70 9.85 5.59 -5.63
C ASN B 70 8.67 5.37 -6.55
N ALA B 71 8.90 5.31 -7.85
CA ALA B 71 7.83 5.04 -8.79
C ALA B 71 7.24 3.66 -8.67
N LEU B 72 8.02 2.66 -8.32
CA LEU B 72 7.51 1.28 -8.08
C LEU B 72 6.67 1.24 -6.83
N VAL B 73 7.05 1.98 -5.79
CA VAL B 73 6.24 2.01 -4.57
C VAL B 73 4.88 2.62 -4.88
N HIS B 74 4.90 3.69 -5.68
CA HIS B 74 3.65 4.36 -6.12
C HIS B 74 2.80 3.47 -6.97
N PHE B 75 3.43 2.74 -7.89
CA PHE B 75 2.73 1.76 -8.75
C PHE B 75 2.02 0.71 -7.92
N ILE B 76 2.69 0.12 -6.95
CA ILE B 76 2.19 -0.96 -6.19
C ILE B 76 1.10 -0.52 -5.25
N HIS B 77 1.29 0.62 -4.57
CA HIS B 77 0.49 0.97 -3.36
C HIS B 77 -0.49 2.15 -3.58
N VAL B 78 -0.20 3.03 -4.52
CA VAL B 78 -1.06 4.17 -4.77
C VAL B 78 -1.98 3.83 -6.00
N LEU B 79 -1.35 3.52 -7.15
CA LEU B 79 -2.12 3.06 -8.34
C LEU B 79 -2.71 1.67 -8.12
N LYS B 80 -2.08 0.85 -7.27
CA LYS B 80 -2.44 -0.54 -7.04
C LYS B 80 -2.58 -1.35 -8.30
N LYS B 81 -1.60 -1.12 -9.21
CA LYS B 81 -1.59 -1.93 -10.45
C LYS B 81 -1.02 -3.34 -10.18
N PRO B 82 -1.45 -4.32 -10.97
CA PRO B 82 -0.91 -5.67 -10.81
C PRO B 82 0.58 -5.76 -10.88
N ILE B 83 1.16 -6.46 -9.92
CA ILE B 83 2.58 -6.72 -9.93
C ILE B 83 2.82 -8.17 -9.53
N TRP B 84 3.80 -8.76 -10.22
CA TRP B 84 4.21 -10.13 -9.97
C TRP B 84 5.65 -10.09 -9.57
N GLY B 85 6.00 -10.39 -8.32
CA GLY B 85 7.38 -10.54 -7.91
C GLY B 85 7.74 -12.00 -7.87
N THR B 86 8.77 -12.43 -8.62
CA THR B 86 9.16 -13.83 -8.64
C THR B 86 10.62 -13.94 -8.17
N CYS B 87 10.86 -14.88 -7.26
CA CYS B 87 12.14 -15.07 -6.62
C CYS B 87 12.59 -13.74 -5.99
N ALA B 88 13.64 -13.06 -6.52
CA ALA B 88 14.07 -11.76 -5.91
C ALA B 88 12.88 -10.82 -5.76
N GLY B 89 11.97 -10.75 -6.76
CA GLY B 89 10.91 -9.82 -6.66
C GLY B 89 9.93 -10.16 -5.54
N CYS B 90 9.75 -11.47 -5.28
CA CYS B 90 8.86 -11.90 -4.19
C CYS B 90 9.43 -11.45 -2.85
N ILE B 91 10.76 -11.56 -2.69
CA ILE B 91 11.44 -11.04 -1.49
C ILE B 91 11.18 -9.54 -1.35
N LEU B 92 11.29 -8.79 -2.41
CA LEU B 92 11.19 -7.34 -2.24
C LEU B 92 9.74 -6.89 -1.99
N LEU B 93 8.74 -7.67 -2.35
CA LEU B 93 7.38 -7.32 -1.99
C LEU B 93 7.02 -7.67 -0.59
N SER B 94 7.84 -8.45 0.13
CA SER B 94 7.51 -9.02 1.43
C SER B 94 7.57 -7.98 2.54
N LYS B 95 6.60 -7.99 3.43
CA LYS B 95 6.63 -7.09 4.62
C LYS B 95 7.86 -7.37 5.45
N ASN B 96 8.10 -8.63 5.77
CA ASN B 96 9.19 -9.01 6.70
C ASN B 96 10.09 -9.98 6.00
N VAL B 97 11.37 -9.74 6.05
CA VAL B 97 12.34 -10.67 5.56
C VAL B 97 13.27 -11.13 6.70
N GLU B 98 13.39 -12.44 6.87
CA GLU B 98 14.11 -13.00 8.02
C GLU B 98 15.04 -14.18 7.64
N ASN B 99 15.58 -14.83 8.69
CA ASN B 99 16.53 -15.94 8.56
C ASN B 99 17.96 -15.38 8.42
N ILE B 100 18.08 -14.18 7.85
CA ILE B 100 19.34 -13.44 7.79
C ILE B 100 18.99 -11.97 8.13
N LYS B 101 19.78 -11.36 9.00
CA LYS B 101 19.56 -9.95 9.36
C LYS B 101 20.53 -9.15 8.49
N LEU B 102 19.97 -8.62 7.39
CA LEU B 102 20.69 -7.80 6.39
C LEU B 102 20.43 -6.31 6.51
N TYR B 103 21.50 -5.55 6.35
CA TYR B 103 21.48 -4.15 6.42
C TYR B 103 22.07 -3.67 5.13
N SER B 104 21.35 -2.76 4.46
N SER B 104 21.42 -2.67 4.55
CA SER B 104 21.75 -2.34 3.17
CA SER B 104 21.61 -2.32 3.17
C SER B 104 21.82 -0.86 3.21
C SER B 104 21.80 -0.83 3.13
N ASN B 105 22.38 -0.41 2.13
N ASN B 105 22.36 -0.35 2.03
CA ASN B 105 22.49 0.98 1.81
CA ASN B 105 22.52 1.06 1.92
C ASN B 105 21.17 1.69 1.85
C ASN B 105 21.17 1.72 1.54
N PHE B 106 20.11 0.92 1.56
CA PHE B 106 18.76 1.48 1.36
C PHE B 106 18.01 1.60 2.65
N GLY B 107 18.51 1.05 3.73
CA GLY B 107 17.85 1.21 5.01
C GLY B 107 16.40 0.73 4.98
N ASN B 108 15.52 1.60 5.47
CA ASN B 108 14.11 1.20 5.54
C ASN B 108 13.39 1.34 4.21
N LYS B 109 14.12 1.65 3.13
CA LYS B 109 13.62 1.65 1.78
C LYS B 109 14.06 0.42 0.99
N PHE B 110 14.53 -0.66 1.64
CA PHE B 110 14.97 -1.84 0.93
C PHE B 110 13.78 -2.46 0.20
N SER B 111 12.71 -2.58 0.95
CA SER B 111 11.49 -3.29 0.49
C SER B 111 10.57 -2.40 -0.31
N PHE B 112 9.81 -2.96 -1.27
CA PHE B 112 8.69 -2.24 -1.91
C PHE B 112 7.46 -2.41 -1.04
N GLY B 113 7.35 -3.55 -0.34
CA GLY B 113 6.12 -3.91 0.34
C GLY B 113 5.12 -4.44 -0.68
N GLY B 114 4.01 -4.91 -0.14
CA GLY B 114 2.91 -5.40 -0.95
C GLY B 114 2.39 -6.75 -0.53
N LEU B 115 3.21 -7.57 0.05
CA LEU B 115 2.75 -8.87 0.59
C LEU B 115 3.01 -8.98 2.09
N ASP B 116 1.94 -9.16 2.87
CA ASP B 116 2.05 -9.20 4.35
C ASP B 116 2.37 -10.63 4.78
N ILE B 117 3.62 -10.94 4.51
CA ILE B 117 4.19 -12.23 4.79
C ILE B 117 5.55 -12.06 5.37
N THR B 118 6.01 -13.11 6.06
CA THR B 118 7.40 -13.16 6.49
C THR B 118 8.16 -14.19 5.60
N ILE B 119 9.23 -13.75 5.00
CA ILE B 119 9.95 -14.60 4.01
C ILE B 119 11.34 -14.70 4.45
N CYS B 120 11.98 -15.84 4.13
CA CYS B 120 13.39 -16.09 4.45
C CYS B 120 14.21 -16.22 3.17
N ARG B 121 15.27 -15.42 3.09
N ARG B 121 15.42 -15.68 3.16
CA ARG B 121 16.29 -15.66 2.10
CA ARG B 121 16.16 -15.36 1.91
C ARG B 121 17.29 -16.69 2.64
C ARG B 121 17.35 -16.27 1.48
N ASN B 122 18.10 -17.21 1.72
N ASN B 122 17.92 -16.94 2.47
CA ASN B 122 19.13 -18.16 2.10
CA ASN B 122 18.97 -17.93 2.26
C ASN B 122 18.48 -19.07 3.14
C ASN B 122 18.61 -19.23 3.00
N PHE B 123 17.43 -19.77 2.72
CA PHE B 123 16.82 -20.86 3.52
C PHE B 123 17.36 -22.23 3.14
N TYR B 124 17.40 -22.54 1.84
CA TYR B 124 17.81 -23.88 1.43
C TYR B 124 19.32 -24.01 1.51
N GLY B 125 19.79 -25.19 1.93
CA GLY B 125 21.22 -25.44 1.96
C GLY B 125 21.86 -25.55 0.61
N SER B 126 23.19 -25.44 0.60
CA SER B 126 23.96 -25.37 -0.61
C SER B 126 23.90 -26.68 -1.41
N GLN B 127 23.53 -27.79 -0.76
CA GLN B 127 23.34 -29.10 -1.46
C GLN B 127 21.87 -29.37 -1.87
N ASN B 128 20.96 -28.51 -1.45
CA ASN B 128 19.57 -28.77 -1.68
C ASN B 128 18.85 -27.58 -2.26
N ASP B 129 19.54 -26.67 -2.88
CA ASP B 129 18.91 -25.45 -3.23
C ASP B 129 18.43 -25.36 -4.62
N SER B 130 18.62 -26.38 -5.44
CA SER B 130 18.11 -26.31 -6.81
C SER B 130 17.37 -27.57 -7.20
N PHE B 131 16.05 -27.45 -7.34
CA PHE B 131 15.24 -28.61 -7.64
C PHE B 131 13.94 -28.24 -8.39
N ILE B 132 13.34 -29.22 -9.05
CA ILE B 132 12.00 -29.08 -9.60
C ILE B 132 10.99 -29.74 -8.68
N CYS B 133 9.78 -29.16 -8.58
CA CYS B 133 8.77 -29.73 -7.69
C CYS B 133 7.41 -29.65 -8.36
N SER B 134 6.47 -30.46 -7.87
CA SER B 134 5.15 -30.56 -8.36
C SER B 134 4.30 -29.69 -7.42
N LEU B 135 3.58 -28.78 -8.04
CA LEU B 135 2.73 -27.85 -7.27
C LEU B 135 1.37 -28.42 -6.99
N ASN B 136 0.96 -28.25 -5.74
CA ASN B 136 -0.38 -28.51 -5.26
C ASN B 136 -1.10 -27.17 -5.40
N ILE B 137 -1.99 -27.05 -6.36
CA ILE B 137 -2.65 -25.79 -6.59
C ILE B 137 -3.88 -25.72 -5.62
N ILE B 138 -3.97 -24.62 -4.87
CA ILE B 138 -5.14 -24.39 -3.98
C ILE B 138 -6.19 -23.50 -4.66
N SER B 139 -5.72 -22.77 -5.62
CA SER B 139 -6.52 -21.84 -6.41
C SER B 139 -7.52 -22.57 -7.28
N ASP B 140 -8.68 -21.95 -7.50
CA ASP B 140 -9.66 -22.47 -8.46
C ASP B 140 -9.61 -21.86 -9.86
N SER B 141 -8.62 -21.04 -10.12
CA SER B 141 -8.47 -20.46 -11.44
C SER B 141 -8.30 -21.53 -12.51
N SER B 142 -8.99 -21.37 -13.62
CA SER B 142 -8.79 -22.19 -14.78
C SER B 142 -7.44 -22.06 -15.47
N ALA B 143 -6.59 -21.15 -15.01
CA ALA B 143 -5.25 -21.08 -15.54
C ALA B 143 -4.41 -22.30 -15.10
N PHE B 144 -4.81 -22.99 -14.04
CA PHE B 144 -4.00 -24.07 -13.50
C PHE B 144 -4.64 -25.39 -13.77
N LYS B 145 -3.81 -26.41 -13.80
CA LYS B 145 -4.31 -27.77 -13.87
C LYS B 145 -3.47 -28.59 -12.89
N LYS B 146 -3.81 -29.86 -12.84
CA LYS B 146 -3.03 -30.89 -12.20
C LYS B 146 -1.62 -30.95 -12.82
N ASP B 147 -0.64 -31.23 -11.97
CA ASP B 147 0.69 -31.68 -12.43
C ASP B 147 1.67 -30.63 -12.97
N LEU B 148 1.39 -29.36 -12.68
CA LEU B 148 2.30 -28.26 -13.03
C LEU B 148 3.57 -28.30 -12.19
N THR B 149 4.68 -27.96 -12.80
CA THR B 149 5.95 -28.06 -12.11
C THR B 149 6.50 -26.65 -11.96
N ALA B 150 7.38 -26.53 -10.98
CA ALA B 150 8.08 -25.29 -10.68
C ALA B 150 9.55 -25.54 -10.44
N ALA B 151 10.38 -24.61 -10.87
CA ALA B 151 11.86 -24.67 -10.77
C ALA B 151 12.26 -23.78 -9.58
N CYS B 152 12.74 -24.39 -8.51
CA CYS B 152 13.20 -23.64 -7.31
C CYS B 152 14.70 -23.59 -7.35
N ILE B 153 15.26 -22.40 -7.54
CA ILE B 153 16.72 -22.20 -7.58
C ILE B 153 17.07 -21.15 -6.55
N ARG B 154 17.63 -21.58 -5.42
CA ARG B 154 17.89 -20.70 -4.28
C ARG B 154 16.63 -19.88 -3.95
N ALA B 155 15.49 -20.57 -3.90
CA ALA B 155 14.18 -19.98 -3.70
C ALA B 155 14.05 -19.43 -2.29
N PRO B 156 13.38 -18.30 -2.19
CA PRO B 156 13.01 -17.86 -0.83
C PRO B 156 12.01 -18.79 -0.22
N TYR B 157 11.82 -18.72 1.13
CA TYR B 157 10.92 -19.59 1.84
C TYR B 157 9.93 -18.73 2.61
N ILE B 158 8.65 -18.92 2.36
CA ILE B 158 7.64 -18.08 3.03
C ILE B 158 7.30 -18.77 4.37
N ARG B 159 7.71 -18.13 5.47
CA ARG B 159 7.57 -18.74 6.79
CA ARG B 159 7.56 -18.71 6.83
C ARG B 159 6.18 -18.51 7.39
C ARG B 159 6.29 -18.40 7.61
N GLU B 160 5.63 -17.31 7.23
N GLU B 160 5.70 -17.26 7.41
CA GLU B 160 4.32 -16.96 7.82
CA GLU B 160 4.48 -16.99 8.17
C GLU B 160 3.52 -16.01 6.96
N ILE B 161 2.22 -16.25 6.97
CA ILE B 161 1.22 -15.44 6.35
C ILE B 161 0.66 -14.58 7.46
N LEU B 162 0.70 -13.26 7.27
CA LEU B 162 0.40 -12.35 8.40
C LEU B 162 -0.95 -11.69 8.30
N SER B 163 -1.68 -11.88 7.20
CA SER B 163 -3.03 -11.35 7.02
C SER B 163 -3.87 -12.41 6.38
N ASP B 164 -5.13 -12.50 6.79
CA ASP B 164 -6.09 -13.31 6.08
C ASP B 164 -6.36 -12.82 4.67
N GLU B 165 -5.90 -11.61 4.36
CA GLU B 165 -5.96 -11.07 3.04
C GLU B 165 -4.97 -11.74 2.07
N VAL B 166 -3.95 -12.39 2.62
CA VAL B 166 -2.95 -13.12 1.76
C VAL B 166 -3.51 -14.47 1.45
N LYS B 167 -3.66 -14.82 0.18
CA LYS B 167 -4.16 -16.10 -0.21
C LYS B 167 -3.02 -16.99 -0.71
N VAL B 168 -3.06 -18.25 -0.33
CA VAL B 168 -2.03 -19.24 -0.78
C VAL B 168 -2.56 -19.87 -2.01
N LEU B 169 -1.84 -19.75 -3.13
CA LEU B 169 -2.28 -20.24 -4.42
C LEU B 169 -1.73 -21.63 -4.71
N ALA B 170 -0.56 -21.92 -4.19
CA ALA B 170 0.12 -23.21 -4.51
C ALA B 170 1.12 -23.56 -3.43
N THR B 171 1.25 -24.87 -3.15
CA THR B 171 2.23 -25.38 -2.24
C THR B 171 3.00 -26.51 -2.91
N PHE B 172 4.07 -26.97 -2.27
CA PHE B 172 4.70 -28.22 -2.65
C PHE B 172 5.31 -28.95 -1.47
N SER B 173 5.67 -30.21 -1.70
CA SER B 173 6.32 -31.01 -0.71
C SER B 173 7.80 -31.17 -1.05
N HIS B 174 8.65 -31.19 -0.03
CA HIS B 174 10.08 -31.52 -0.18
C HIS B 174 10.47 -32.59 0.78
N GLU B 175 11.25 -33.54 0.28
CA GLU B 175 11.63 -34.69 1.11
C GLU B 175 12.29 -34.29 2.42
N SER B 176 12.95 -33.14 2.47
CA SER B 176 13.66 -32.70 3.66
C SER B 176 12.98 -31.56 4.35
N TYR B 177 12.22 -30.76 3.64
CA TYR B 177 11.78 -29.55 4.27
C TYR B 177 10.30 -29.50 4.62
N GLY B 178 9.50 -30.50 4.27
CA GLY B 178 8.07 -30.47 4.66
C GLY B 178 7.05 -30.67 3.53
N PRO B 179 5.82 -31.03 3.88
N PRO B 179 5.79 -30.93 3.88
CA PRO B 179 4.72 -30.74 2.98
CA PRO B 179 4.74 -31.37 2.94
C PRO B 179 4.29 -29.29 3.16
C PRO B 179 3.93 -30.25 2.28
N ASN B 180 3.34 -28.87 2.34
N ASN B 180 3.92 -29.07 2.90
CA ASN B 180 2.75 -27.55 2.45
CA ASN B 180 3.03 -27.97 2.48
C ASN B 180 3.77 -26.43 2.40
C ASN B 180 3.73 -26.61 2.36
N ILE B 181 4.83 -26.57 1.62
CA ILE B 181 5.74 -25.42 1.53
C ILE B 181 5.06 -24.42 0.57
N ILE B 182 4.90 -23.17 1.00
CA ILE B 182 4.18 -22.20 0.20
C ILE B 182 4.97 -21.70 -1.04
N ALA B 183 4.43 -21.92 -2.26
CA ALA B 183 5.10 -21.53 -3.52
C ALA B 183 4.64 -20.20 -4.08
N ALA B 184 3.36 -19.86 -3.83
CA ALA B 184 2.72 -18.74 -4.53
C ALA B 184 1.68 -18.16 -3.60
N VAL B 185 1.71 -16.84 -3.46
CA VAL B 185 0.74 -16.10 -2.67
C VAL B 185 0.26 -14.91 -3.43
N GLU B 186 -0.92 -14.43 -3.01
CA GLU B 186 -1.52 -13.29 -3.67
C GLU B 186 -2.30 -12.43 -2.69
N GLN B 187 -2.12 -11.12 -2.78
CA GLN B 187 -2.75 -10.21 -1.86
C GLN B 187 -3.10 -8.99 -2.64
N ASN B 188 -4.42 -8.74 -2.78
CA ASN B 188 -4.86 -7.58 -3.50
C ASN B 188 -4.11 -7.64 -4.91
N ASN B 189 -3.44 -6.55 -5.33
CA ASN B 189 -2.80 -6.47 -6.64
C ASN B 189 -1.46 -7.16 -6.75
N CYS B 190 -1.00 -7.77 -5.67
CA CYS B 190 0.34 -8.38 -5.66
C CYS B 190 0.33 -9.91 -5.72
N LEU B 191 1.13 -10.46 -6.65
CA LEU B 191 1.36 -11.88 -6.78
C LEU B 191 2.80 -12.14 -6.54
N GLY B 192 3.05 -13.15 -5.73
CA GLY B 192 4.41 -13.51 -5.35
C GLY B 192 4.66 -15.01 -5.50
N THR B 193 5.74 -15.37 -6.25
CA THR B 193 6.10 -16.79 -6.41
CA THR B 193 6.12 -16.77 -6.31
C THR B 193 7.57 -16.95 -6.00
N VAL B 194 7.91 -18.08 -5.39
CA VAL B 194 9.30 -18.27 -4.93
C VAL B 194 10.19 -18.87 -6.01
N PHE B 195 9.53 -19.45 -6.99
CA PHE B 195 10.15 -20.20 -8.07
C PHE B 195 10.44 -19.33 -9.30
N HIS B 196 11.16 -19.89 -10.27
CA HIS B 196 11.52 -19.20 -11.50
C HIS B 196 10.62 -19.70 -12.61
N PRO B 197 9.53 -19.02 -12.87
CA PRO B 197 8.49 -19.53 -13.78
C PRO B 197 8.92 -19.48 -15.22
N GLU B 198 10.09 -18.90 -15.52
CA GLU B 198 10.64 -18.76 -16.85
C GLU B 198 11.59 -19.89 -17.24
N LEU B 199 11.86 -20.83 -16.31
CA LEU B 199 12.86 -21.88 -16.56
C LEU B 199 12.25 -23.23 -16.86
N LEU B 200 10.95 -23.33 -16.91
CA LEU B 200 10.25 -24.55 -17.38
C LEU B 200 9.30 -24.10 -18.49
N PRO B 201 8.96 -25.01 -19.41
CA PRO B 201 8.21 -24.57 -20.60
C PRO B 201 6.80 -24.14 -20.44
N HIS B 202 6.11 -24.58 -19.41
CA HIS B 202 4.72 -24.25 -19.36
C HIS B 202 4.54 -22.78 -18.97
N THR B 203 3.34 -22.29 -19.26
CA THR B 203 3.04 -20.89 -19.11
C THR B 203 1.86 -20.63 -18.16
N ALA B 204 1.57 -21.52 -17.20
CA ALA B 204 0.38 -21.40 -16.39
C ALA B 204 0.40 -20.10 -15.56
N PHE B 205 1.57 -19.77 -15.02
CA PHE B 205 1.58 -18.57 -14.15
C PHE B 205 1.58 -17.31 -14.95
N GLN B 206 2.16 -17.32 -16.13
CA GLN B 206 2.05 -16.17 -17.01
C GLN B 206 0.63 -15.96 -17.42
N GLN B 207 -0.09 -17.04 -17.73
CA GLN B 207 -1.54 -16.93 -17.97
C GLN B 207 -2.29 -16.37 -16.76
N TYR B 208 -2.00 -16.87 -15.59
CA TYR B 208 -2.70 -16.39 -14.42
C TYR B 208 -2.49 -14.90 -14.27
N PHE B 209 -1.24 -14.45 -14.43
CA PHE B 209 -0.95 -13.01 -14.25
C PHE B 209 -1.57 -12.20 -15.33
N TYR B 210 -1.55 -12.73 -16.58
CA TYR B 210 -2.28 -12.07 -17.71
C TYR B 210 -3.72 -11.88 -17.37
N GLU B 211 -4.36 -12.92 -16.82
CA GLU B 211 -5.78 -12.77 -16.40
C GLU B 211 -5.97 -11.77 -15.29
N LYS B 212 -5.05 -11.76 -14.31
CA LYS B 212 -5.08 -10.70 -13.29
C LYS B 212 -5.06 -9.30 -13.92
N VAL B 213 -4.14 -9.08 -14.85
CA VAL B 213 -4.04 -7.76 -15.49
C VAL B 213 -5.26 -7.45 -16.33
N LYS B 214 -5.75 -8.45 -17.05
CA LYS B 214 -6.99 -8.25 -17.82
C LYS B 214 -8.10 -7.83 -16.90
N ASN B 215 -8.23 -8.48 -15.76
CA ASN B 215 -9.31 -8.10 -14.84
C ASN B 215 -9.17 -6.72 -14.32
N TYR B 216 -7.92 -6.35 -14.03
CA TYR B 216 -7.61 -4.98 -13.65
C TYR B 216 -8.00 -3.98 -14.68
N LYS B 217 -7.71 -4.26 -15.91
CA LYS B 217 -8.09 -3.33 -16.97
C LYS B 217 -9.59 -3.26 -17.09
N TYR B 218 -10.27 -4.39 -16.86
CA TYR B 218 -11.75 -4.44 -16.90
C TYR B 218 -12.28 -3.64 -15.76
N SER B 219 -11.69 -3.76 -14.58
CA SER B 219 -12.15 -3.00 -13.42
CA SER B 219 -12.22 -3.01 -13.46
C SER B 219 -12.09 -1.51 -13.66
N LEU B 220 -11.23 -1.08 -14.57
CA LEU B 220 -11.02 0.34 -14.82
C LEU B 220 -12.05 0.96 -15.78
N GLU B 221 -12.80 0.12 -16.49
CA GLU B 221 -13.72 0.59 -17.53
C GLU B 221 -14.81 1.45 -16.91
N HIS B 222 -15.38 2.31 -17.71
CA HIS B 222 -16.56 3.08 -17.30
C HIS B 222 -17.71 2.09 -17.16
N HIS B 223 -18.80 2.57 -16.55
CA HIS B 223 -20.08 1.88 -16.57
C HIS B 223 -20.24 0.70 -15.62
N HIS B 224 -19.35 0.55 -14.62
CA HIS B 224 -19.59 -0.50 -13.61
C HIS B 224 -20.62 -0.01 -12.61
N HIS B 225 -21.38 -0.96 -12.03
CA HIS B 225 -22.37 -0.68 -10.98
C HIS B 225 -21.74 -0.74 -9.60
N HIS B 226 -21.66 0.41 -8.95
CA HIS B 226 -21.13 0.44 -7.57
C HIS B 226 -22.22 0.14 -6.57
N HIS B 227 -21.91 -0.78 -5.65
CA HIS B 227 -22.73 -1.00 -4.44
C HIS B 227 -21.74 -1.63 -3.38
#